data_5WIP
#
_entry.id   5WIP
#
_cell.length_a   112.390
_cell.length_b   124.089
_cell.length_c   109.914
_cell.angle_alpha   90.00
_cell.angle_beta   90.00
_cell.angle_gamma   90.00
#
_symmetry.space_group_name_H-M   'C 2 2 21'
#
loop_
_entity.id
_entity.type
_entity.pdbx_description
1 polymer 'Conjugal transfer protein'
2 non-polymer '2-(furan-2-yl)pyridine-4-carboxylic acid'
3 water water
#
_entity_poly.entity_id   1
_entity_poly.type   'polypeptide(L)'
_entity_poly.pdbx_seq_one_letter_code
;AHLLTLNEATHEVQQVKLTRDQTSYGDEIDKFWLTQYVIHRESYDFYSVQVDYTAVGLMSTPNVAESYQSKFKGRNGLDK
VLGDSETTRVKINSVILDKPHGVATIRFTTVRRVRSNPVDDQPQRWIAIMGYEYKSLAMNAEQRYVNPLGFRVTSYRVNP
EVN
;
_entity_poly.pdbx_strand_id   A,B,C,D
#
# COMPACT_ATOMS: atom_id res chain seq x y z
N THR A 19 31.65 -8.26 -2.09
CA THR A 19 31.48 -9.37 -3.01
C THR A 19 32.42 -9.23 -4.20
N ARG A 20 32.74 -7.98 -4.51
CA ARG A 20 33.76 -7.65 -5.49
C ARG A 20 34.23 -6.24 -5.20
N ASP A 21 35.43 -5.92 -5.66
CA ASP A 21 35.89 -4.53 -5.63
C ASP A 21 35.69 -3.90 -7.00
N GLN A 22 34.67 -3.05 -7.12
CA GLN A 22 34.44 -2.27 -8.32
C GLN A 22 34.08 -0.85 -7.91
N THR A 23 34.48 0.11 -8.74
CA THR A 23 34.11 1.50 -8.47
C THR A 23 32.65 1.77 -8.85
N SER A 24 32.12 1.05 -9.84
CA SER A 24 30.78 1.31 -10.34
C SER A 24 30.11 0.00 -10.75
N TYR A 25 28.77 0.03 -10.73
CA TYR A 25 27.96 -1.08 -11.18
C TYR A 25 26.97 -0.68 -12.27
N GLY A 26 27.11 0.51 -12.84
CA GLY A 26 26.18 1.02 -13.82
C GLY A 26 25.33 2.14 -13.26
N ASP A 27 24.73 2.91 -14.17
CA ASP A 27 23.97 4.10 -13.77
C ASP A 27 22.87 3.74 -12.79
N GLU A 28 21.96 2.84 -13.19
CA GLU A 28 20.77 2.59 -12.39
C GLU A 28 21.09 1.88 -11.09
N ILE A 29 22.17 1.11 -11.04
CA ILE A 29 22.54 0.42 -9.81
C ILE A 29 23.25 1.37 -8.85
N ASP A 30 24.22 2.14 -9.37
CA ASP A 30 24.85 3.16 -8.54
C ASP A 30 23.82 4.16 -8.02
N LYS A 31 22.91 4.60 -8.89
CA LYS A 31 21.89 5.56 -8.48
C LYS A 31 21.02 5.02 -7.35
N PHE A 32 20.80 3.71 -7.32
CA PHE A 32 19.96 3.14 -6.27
C PHE A 32 20.62 3.26 -4.90
N TRP A 33 21.87 2.82 -4.79
CA TRP A 33 22.54 2.84 -3.49
C TRP A 33 22.83 4.27 -3.05
N LEU A 34 23.26 5.13 -3.98
CA LEU A 34 23.55 6.51 -3.61
C LEU A 34 22.33 7.21 -3.05
N THR A 35 21.18 7.08 -3.72
CA THR A 35 19.95 7.68 -3.21
C THR A 35 19.48 6.98 -1.94
N GLN A 36 19.68 5.66 -1.85
CA GLN A 36 19.34 4.94 -0.63
C GLN A 36 20.18 5.46 0.54
N TYR A 37 21.46 5.73 0.30
CA TYR A 37 22.32 6.25 1.35
C TYR A 37 21.84 7.61 1.84
N VAL A 38 21.51 8.49 0.90
CA VAL A 38 21.08 9.85 1.27
C VAL A 38 19.76 9.80 2.03
N ILE A 39 18.87 8.88 1.65
CA ILE A 39 17.57 8.79 2.33
C ILE A 39 17.76 8.26 3.75
N HIS A 40 18.58 7.20 3.91
CA HIS A 40 18.82 6.65 5.24
C HIS A 40 19.50 7.67 6.15
N ARG A 41 20.44 8.44 5.61
CA ARG A 41 21.26 9.32 6.43
C ARG A 41 20.64 10.69 6.67
N GLU A 42 19.80 11.18 5.74
CA GLU A 42 19.23 12.51 5.85
C GLU A 42 17.80 12.52 6.36
N SER A 43 17.12 11.38 6.39
CA SER A 43 15.80 11.32 7.00
C SER A 43 15.94 11.10 8.50
N TYR A 44 14.84 11.35 9.22
CA TYR A 44 14.76 11.01 10.64
C TYR A 44 13.36 10.49 10.95
N ASP A 45 13.27 9.20 11.25
CA ASP A 45 12.04 8.57 11.73
C ASP A 45 12.40 7.71 12.92
N PHE A 46 11.87 8.06 14.10
CA PHE A 46 12.21 7.32 15.30
C PHE A 46 11.89 5.84 15.15
N TYR A 47 10.75 5.52 14.54
CA TYR A 47 10.35 4.12 14.35
C TYR A 47 11.21 3.40 13.33
N SER A 48 12.12 4.12 12.69
CA SER A 48 13.08 3.53 11.74
C SER A 48 14.56 3.88 11.96
N VAL A 49 14.86 4.78 12.90
CA VAL A 49 16.20 5.35 13.00
C VAL A 49 17.23 4.26 13.27
N GLN A 50 16.86 3.21 14.00
CA GLN A 50 17.80 2.13 14.29
C GLN A 50 18.25 1.44 13.01
N VAL A 51 17.31 1.16 12.10
CA VAL A 51 17.67 0.56 10.82
C VAL A 51 18.52 1.53 10.00
N ASP A 52 18.07 2.79 9.91
CA ASP A 52 18.83 3.78 9.16
C ASP A 52 20.25 3.92 9.69
N TYR A 53 20.39 4.05 11.01
CA TYR A 53 21.73 4.15 11.62
C TYR A 53 22.59 2.96 11.23
N THR A 54 22.01 1.76 11.19
CA THR A 54 22.78 0.58 10.82
C THR A 54 23.13 0.60 9.33
N ALA A 55 22.18 0.99 8.49
CA ALA A 55 22.42 0.99 7.05
C ALA A 55 23.52 1.98 6.67
N VAL A 56 23.54 3.15 7.30
CA VAL A 56 24.58 4.13 7.02
C VAL A 56 25.95 3.60 7.42
N GLY A 57 26.02 2.97 8.60
CA GLY A 57 27.30 2.44 9.05
C GLY A 57 27.85 1.38 8.13
N LEU A 58 26.99 0.49 7.64
CA LEU A 58 27.46 -0.56 6.73
C LEU A 58 27.90 0.02 5.39
N MET A 59 27.28 1.08 4.96
CA MET A 59 27.50 1.63 3.66
C MET A 59 28.51 2.72 3.63
N SER A 60 29.30 2.80 4.65
CA SER A 60 30.27 3.87 4.79
C SER A 60 31.61 3.27 5.22
N THR A 61 32.69 3.94 4.80
CA THR A 61 34.00 3.59 5.30
C THR A 61 34.11 4.00 6.77
N PRO A 62 35.05 3.41 7.51
CA PRO A 62 35.19 3.77 8.92
C PRO A 62 35.25 5.27 9.16
N ASN A 63 35.99 6.01 8.33
CA ASN A 63 36.08 7.45 8.50
C ASN A 63 34.71 8.11 8.35
N VAL A 64 34.06 7.88 7.20
CA VAL A 64 32.72 8.44 6.98
C VAL A 64 31.75 7.96 8.04
N ALA A 65 31.92 6.74 8.53
CA ALA A 65 30.99 6.20 9.53
C ALA A 65 31.21 6.87 10.88
N GLU A 66 32.46 7.00 11.30
CA GLU A 66 32.75 7.62 12.60
C GLU A 66 32.19 9.04 12.65
N SER A 67 32.32 9.79 11.56
CA SER A 67 31.82 11.17 11.54
C SER A 67 30.30 11.20 11.69
N TYR A 68 29.60 10.27 11.03
CA TYR A 68 28.14 10.28 11.07
C TYR A 68 27.62 9.83 12.42
N GLN A 69 28.28 8.85 13.05
CA GLN A 69 27.80 8.31 14.32
C GLN A 69 28.07 9.24 15.51
N SER A 70 28.79 10.34 15.30
CA SER A 70 29.08 11.25 16.41
C SER A 70 27.80 11.82 17.01
N LYS A 71 26.86 12.24 16.16
CA LYS A 71 25.64 12.88 16.63
C LYS A 71 24.73 11.95 17.42
N PHE A 72 25.01 10.65 17.42
CA PHE A 72 24.19 9.69 18.15
C PHE A 72 24.77 9.29 19.51
N LYS A 73 25.99 9.71 19.81
CA LYS A 73 26.64 9.31 21.06
C LYS A 73 26.21 10.21 22.22
N GLY A 74 26.31 9.67 23.42
CA GLY A 74 26.13 10.45 24.63
C GLY A 74 24.69 10.65 25.03
N ARG A 75 24.52 11.29 26.20
CA ARG A 75 23.18 11.58 26.70
C ARG A 75 22.40 12.46 25.74
N ASN A 76 23.09 13.25 24.92
CA ASN A 76 22.46 14.14 23.95
C ASN A 76 22.49 13.59 22.54
N GLY A 77 22.53 12.26 22.38
CA GLY A 77 22.44 11.67 21.06
C GLY A 77 21.15 12.07 20.37
N LEU A 78 21.21 12.16 19.04
CA LEU A 78 20.07 12.66 18.27
C LEU A 78 18.77 11.96 18.68
N ASP A 79 18.76 10.63 18.64
CA ASP A 79 17.54 9.90 18.97
C ASP A 79 17.18 10.04 20.44
N LYS A 80 18.17 10.26 21.31
CA LYS A 80 17.88 10.43 22.73
C LYS A 80 17.17 11.76 22.98
N VAL A 81 17.53 12.80 22.22
CA VAL A 81 16.92 14.11 22.40
C VAL A 81 15.60 14.21 21.65
N LEU A 82 15.63 13.95 20.34
CA LEU A 82 14.46 14.14 19.50
C LEU A 82 13.36 13.14 19.84
N GLY A 83 13.72 11.88 20.02
CA GLY A 83 12.72 10.85 20.21
C GLY A 83 11.75 10.83 19.04
N ASP A 84 10.46 10.79 19.34
CA ASP A 84 9.41 10.77 18.33
C ASP A 84 8.71 12.11 18.21
N SER A 85 9.33 13.20 18.70
CA SER A 85 8.70 14.51 18.68
C SER A 85 8.69 15.14 17.29
N GLU A 86 9.60 14.75 16.40
CA GLU A 86 9.66 15.33 15.07
C GLU A 86 10.10 14.26 14.08
N THR A 87 10.02 14.60 12.79
CA THR A 87 10.40 13.70 11.71
C THR A 87 10.80 14.53 10.50
N THR A 88 11.69 13.96 9.70
CA THR A 88 12.19 14.62 8.49
C THR A 88 12.30 13.60 7.38
N ARG A 89 11.63 13.87 6.26
CA ARG A 89 11.63 12.98 5.10
C ARG A 89 12.42 13.62 3.96
N VAL A 90 12.97 12.77 3.10
CA VAL A 90 13.85 13.21 2.02
C VAL A 90 13.11 13.06 0.69
N LYS A 91 13.47 13.92 -0.26
CA LYS A 91 12.96 13.88 -1.62
C LYS A 91 14.13 14.11 -2.57
N ILE A 92 14.46 13.09 -3.36
CA ILE A 92 15.56 13.20 -4.31
C ILE A 92 15.09 13.96 -5.54
N ASN A 93 15.86 14.98 -5.93
CA ASN A 93 15.53 15.82 -7.08
C ASN A 93 16.29 15.44 -8.34
N SER A 94 17.61 15.23 -8.22
CA SER A 94 18.41 14.86 -9.38
C SER A 94 19.67 14.15 -8.90
N VAL A 95 20.28 13.42 -9.81
CA VAL A 95 21.49 12.64 -9.53
C VAL A 95 22.40 12.70 -10.75
N ILE A 96 23.66 13.09 -10.54
CA ILE A 96 24.65 13.19 -11.61
C ILE A 96 25.83 12.31 -11.22
N LEU A 97 26.10 11.29 -12.03
CA LEU A 97 27.14 10.32 -11.74
C LEU A 97 28.40 10.62 -12.53
N ASP A 98 29.54 10.33 -11.93
CA ASP A 98 30.82 10.36 -12.62
C ASP A 98 31.44 9.01 -12.32
N LYS A 99 30.86 7.98 -12.93
CA LYS A 99 31.20 6.59 -12.63
C LYS A 99 32.71 6.32 -12.68
N PRO A 100 33.45 6.76 -13.68
CA PRO A 100 34.89 6.42 -13.73
C PRO A 100 35.65 6.82 -12.47
N HIS A 101 35.21 7.86 -11.76
CA HIS A 101 35.91 8.35 -10.59
C HIS A 101 35.13 8.13 -9.30
N GLY A 102 34.02 7.43 -9.34
CA GLY A 102 33.23 7.17 -8.15
C GLY A 102 32.80 8.44 -7.44
N VAL A 103 32.29 9.41 -8.22
CA VAL A 103 31.80 10.67 -7.69
C VAL A 103 30.38 10.87 -8.16
N ALA A 104 29.55 11.48 -7.30
CA ALA A 104 28.16 11.71 -7.62
C ALA A 104 27.69 12.97 -6.90
N THR A 105 26.80 13.70 -7.56
CA THR A 105 26.15 14.88 -6.99
C THR A 105 24.65 14.63 -6.93
N ILE A 106 24.08 14.78 -5.74
CA ILE A 106 22.67 14.47 -5.51
C ILE A 106 22.01 15.69 -4.87
N ARG A 107 21.02 16.26 -5.54
CA ARG A 107 20.25 17.38 -5.02
C ARG A 107 18.93 16.86 -4.48
N PHE A 108 18.66 17.14 -3.21
CA PHE A 108 17.50 16.59 -2.52
C PHE A 108 16.86 17.66 -1.66
N THR A 109 15.60 17.41 -1.29
CA THR A 109 14.81 18.31 -0.46
C THR A 109 14.40 17.59 0.81
N THR A 110 14.41 18.32 1.93
CA THR A 110 13.92 17.82 3.20
C THR A 110 12.74 18.68 3.65
N VAL A 111 11.78 18.03 4.29
CA VAL A 111 10.63 18.70 4.89
C VAL A 111 10.46 18.18 6.30
N ARG A 112 10.60 19.07 7.27
CA ARG A 112 10.53 18.72 8.68
C ARG A 112 9.15 19.04 9.25
N ARG A 113 8.61 18.10 10.02
CA ARG A 113 7.33 18.28 10.70
C ARG A 113 7.54 18.10 12.19
N VAL A 114 7.34 19.18 12.94
CA VAL A 114 7.33 19.10 14.40
C VAL A 114 5.95 18.62 14.83
N ARG A 115 5.92 17.50 15.55
CA ARG A 115 4.63 16.90 15.93
C ARG A 115 3.75 17.90 16.67
N SER A 116 4.30 18.94 17.23
CA SER A 116 3.54 19.89 18.01
C SER A 116 3.14 21.07 17.18
N ASN A 117 3.09 20.85 15.90
CA ASN A 117 2.65 21.89 14.99
C ASN A 117 1.58 21.32 14.05
N PRO A 118 0.68 22.17 13.56
CA PRO A 118 -0.37 21.70 12.66
C PRO A 118 0.11 21.45 11.24
N VAL A 119 1.07 22.26 10.78
CA VAL A 119 1.58 22.11 9.42
C VAL A 119 3.06 21.74 9.47
N ASP A 120 3.67 21.58 8.31
CA ASP A 120 5.08 21.20 8.22
C ASP A 120 5.95 22.43 8.06
N ASP A 121 7.25 22.24 8.33
CA ASP A 121 8.22 23.28 8.05
C ASP A 121 8.32 23.51 6.54
N GLN A 122 8.97 24.61 6.17
CA GLN A 122 9.15 24.86 4.75
C GLN A 122 10.29 23.99 4.22
N PRO A 123 10.17 23.48 2.99
CA PRO A 123 11.21 22.60 2.46
C PRO A 123 12.57 23.27 2.44
N GLN A 124 13.61 22.44 2.55
CA GLN A 124 15.00 22.88 2.45
C GLN A 124 15.70 22.08 1.36
N ARG A 125 16.46 22.78 0.51
CA ARG A 125 17.14 22.17 -0.62
C ARG A 125 18.62 22.03 -0.33
N TRP A 126 19.19 20.89 -0.71
CA TRP A 126 20.59 20.59 -0.41
C TRP A 126 21.26 19.97 -1.62
N ILE A 127 22.59 20.02 -1.62
CA ILE A 127 23.42 19.37 -2.63
C ILE A 127 24.39 18.44 -1.92
N ALA A 128 24.34 17.16 -2.26
CA ALA A 128 25.19 16.15 -1.66
C ALA A 128 26.31 15.79 -2.62
N ILE A 129 27.54 16.01 -2.20
CA ILE A 129 28.73 15.65 -2.97
C ILE A 129 29.31 14.39 -2.31
N MET A 130 29.31 13.28 -3.05
CA MET A 130 29.63 11.99 -2.49
C MET A 130 30.70 11.30 -3.32
N GLY A 131 31.48 10.46 -2.64
CA GLY A 131 32.39 9.54 -3.30
C GLY A 131 32.07 8.12 -2.86
N TYR A 132 31.99 7.21 -3.82
CA TYR A 132 31.54 5.86 -3.53
C TYR A 132 32.43 4.84 -4.24
N GLU A 133 32.28 3.60 -3.79
CA GLU A 133 33.02 2.45 -4.30
C GLU A 133 32.35 1.15 -3.85
N TYR A 134 32.71 0.03 -4.45
CA TYR A 134 32.23 -1.27 -4.00
C TYR A 134 33.41 -2.11 -3.55
N LYS A 135 33.27 -2.79 -2.43
CA LYS A 135 34.34 -3.59 -1.85
C LYS A 135 33.86 -4.99 -1.54
N SER A 136 34.76 -5.96 -1.69
CA SER A 136 34.51 -7.34 -1.30
C SER A 136 35.04 -7.54 0.11
N LEU A 137 34.15 -7.37 1.09
CA LEU A 137 34.49 -7.48 2.50
C LEU A 137 33.70 -8.62 3.13
N ALA A 138 34.34 -9.31 4.07
CA ALA A 138 33.64 -10.37 4.80
C ALA A 138 32.38 -9.81 5.45
N MET A 139 31.25 -10.48 5.20
CA MET A 139 29.95 -9.96 5.60
C MET A 139 29.09 -11.11 6.12
N ASN A 140 28.39 -10.86 7.22
CA ASN A 140 27.53 -11.88 7.81
C ASN A 140 26.17 -11.87 7.10
N ALA A 141 25.26 -12.71 7.59
CA ALA A 141 23.96 -12.86 6.93
C ALA A 141 23.18 -11.55 6.98
N GLU A 142 23.00 -11.00 8.18
CA GLU A 142 22.25 -9.75 8.32
C GLU A 142 22.92 -8.58 7.61
N GLN A 143 24.24 -8.63 7.40
CA GLN A 143 24.91 -7.55 6.71
C GLN A 143 24.75 -7.67 5.20
N ARG A 144 24.84 -8.89 4.66
CA ARG A 144 24.59 -9.09 3.24
C ARG A 144 23.13 -8.81 2.89
N TYR A 145 22.21 -9.08 3.81
CA TYR A 145 20.80 -8.77 3.59
C TYR A 145 20.57 -7.28 3.38
N VAL A 146 21.52 -6.44 3.77
CA VAL A 146 21.36 -4.99 3.69
C VAL A 146 22.31 -4.35 2.69
N ASN A 147 23.51 -4.89 2.50
CA ASN A 147 24.51 -4.33 1.59
C ASN A 147 25.13 -5.46 0.77
N PRO A 148 24.31 -6.15 -0.03
CA PRO A 148 24.81 -7.35 -0.74
C PRO A 148 26.04 -7.07 -1.60
N LEU A 149 26.06 -5.97 -2.33
CA LEU A 149 27.15 -5.66 -3.25
C LEU A 149 28.32 -4.94 -2.59
N GLY A 150 28.26 -4.72 -1.28
CA GLY A 150 29.35 -4.05 -0.59
C GLY A 150 29.52 -2.59 -0.96
N PHE A 151 28.43 -1.88 -1.19
CA PHE A 151 28.48 -0.46 -1.48
C PHE A 151 28.88 0.32 -0.23
N ARG A 152 29.64 1.40 -0.40
CA ARG A 152 29.99 2.24 0.73
C ARG A 152 30.46 3.59 0.24
N VAL A 153 30.17 4.62 1.04
CA VAL A 153 30.51 6.00 0.73
C VAL A 153 31.90 6.29 1.26
N THR A 154 32.78 6.81 0.39
CA THR A 154 34.13 7.16 0.78
C THR A 154 34.30 8.62 1.16
N SER A 155 33.35 9.48 0.78
CA SER A 155 33.37 10.89 1.17
C SER A 155 31.95 11.43 1.03
N TYR A 156 31.58 12.33 1.94
CA TYR A 156 30.22 12.82 2.01
C TYR A 156 30.23 14.26 2.52
N ARG A 157 29.64 15.16 1.74
CA ARG A 157 29.54 16.57 2.12
C ARG A 157 28.22 17.13 1.61
N VAL A 158 27.45 17.72 2.52
CA VAL A 158 26.15 18.30 2.20
C VAL A 158 26.24 19.81 2.38
N ASN A 159 25.63 20.54 1.45
CA ASN A 159 25.62 22.00 1.48
C ASN A 159 24.28 22.49 0.96
N PRO A 160 23.81 23.64 1.44
CA PRO A 160 22.56 24.20 0.94
C PRO A 160 22.71 24.66 -0.51
N GLU A 161 21.56 24.93 -1.13
CA GLU A 161 21.54 25.37 -2.52
C GLU A 161 20.90 26.76 -2.65
N THR B 19 -17.10 2.99 24.90
CA THR B 19 -16.45 4.23 24.49
C THR B 19 -15.23 4.51 25.37
N ARG B 20 -14.06 4.58 24.74
CA ARG B 20 -12.79 4.65 25.46
C ARG B 20 -11.80 5.47 24.66
N ASP B 21 -11.04 6.31 25.36
CA ASP B 21 -10.01 7.12 24.70
C ASP B 21 -8.90 6.23 24.20
N GLN B 22 -8.71 6.20 22.89
CA GLN B 22 -7.64 5.46 22.26
C GLN B 22 -7.37 6.08 20.90
N THR B 23 -6.19 5.85 20.35
CA THR B 23 -5.92 6.33 19.00
C THR B 23 -6.45 5.38 17.94
N SER B 24 -6.24 4.08 18.12
CA SER B 24 -6.57 3.09 17.10
C SER B 24 -7.30 1.90 17.70
N TYR B 25 -8.10 1.25 16.85
CA TYR B 25 -8.77 0.00 17.19
C TYR B 25 -8.30 -1.15 16.29
N GLY B 26 -7.16 -0.99 15.64
CA GLY B 26 -6.64 -1.99 14.73
C GLY B 26 -6.83 -1.59 13.28
N ASP B 27 -6.22 -2.40 12.39
CA ASP B 27 -6.28 -2.10 10.97
C ASP B 27 -7.72 -2.17 10.44
N GLU B 28 -8.38 -3.31 10.64
CA GLU B 28 -9.69 -3.51 10.03
C GLU B 28 -10.72 -2.51 10.57
N ILE B 29 -10.68 -2.22 11.87
CA ILE B 29 -11.66 -1.32 12.45
C ILE B 29 -11.40 0.12 12.02
N ASP B 30 -10.15 0.57 12.13
CA ASP B 30 -9.81 1.91 11.68
C ASP B 30 -10.19 2.11 10.21
N LYS B 31 -9.83 1.15 9.36
CA LYS B 31 -10.16 1.26 7.94
C LYS B 31 -11.66 1.39 7.72
N PHE B 32 -12.47 0.74 8.55
CA PHE B 32 -13.92 0.85 8.40
C PHE B 32 -14.42 2.25 8.68
N TRP B 33 -13.99 2.84 9.80
CA TRP B 33 -14.45 4.18 10.16
C TRP B 33 -13.87 5.23 9.23
N LEU B 34 -12.64 5.04 8.75
CA LEU B 34 -12.03 6.03 7.88
C LEU B 34 -12.70 6.04 6.51
N THR B 35 -12.94 4.87 5.93
CA THR B 35 -13.65 4.82 4.66
C THR B 35 -15.09 5.31 4.81
N GLN B 36 -15.71 5.02 5.95
CA GLN B 36 -17.06 5.52 6.19
C GLN B 36 -17.08 7.05 6.23
N TYR B 37 -16.02 7.67 6.76
CA TYR B 37 -15.98 9.12 6.83
C TYR B 37 -15.84 9.73 5.44
N VAL B 38 -14.95 9.18 4.62
CA VAL B 38 -14.74 9.73 3.28
C VAL B 38 -15.96 9.52 2.41
N ILE B 39 -16.69 8.42 2.61
CA ILE B 39 -17.90 8.17 1.84
C ILE B 39 -19.01 9.12 2.25
N HIS B 40 -19.21 9.29 3.55
CA HIS B 40 -20.23 10.22 4.03
C HIS B 40 -19.93 11.65 3.60
N ARG B 41 -18.65 12.05 3.66
CA ARG B 41 -18.31 13.45 3.44
C ARG B 41 -18.11 13.77 1.96
N GLU B 42 -17.54 12.84 1.19
CA GLU B 42 -17.21 13.12 -0.20
C GLU B 42 -18.31 12.72 -1.18
N SER B 43 -19.27 11.90 -0.75
CA SER B 43 -20.40 11.59 -1.60
C SER B 43 -21.40 12.75 -1.57
N TYR B 44 -22.32 12.75 -2.55
CA TYR B 44 -23.44 13.69 -2.51
C TYR B 44 -24.66 13.03 -3.12
N ASP B 45 -25.70 12.88 -2.31
CA ASP B 45 -27.00 12.43 -2.79
C ASP B 45 -28.05 13.13 -1.95
N PHE B 46 -28.87 13.96 -2.60
CA PHE B 46 -29.85 14.76 -1.86
C PHE B 46 -30.77 13.89 -1.00
N TYR B 47 -30.96 12.63 -1.38
CA TYR B 47 -31.86 11.77 -0.62
C TYR B 47 -31.29 11.34 0.73
N SER B 48 -29.97 11.41 0.91
CA SER B 48 -29.34 10.97 2.15
C SER B 48 -28.38 12.01 2.73
N VAL B 49 -28.33 13.21 2.16
CA VAL B 49 -27.37 14.21 2.64
C VAL B 49 -27.62 14.56 4.09
N GLN B 50 -28.87 14.46 4.55
CA GLN B 50 -29.19 14.80 5.94
C GLN B 50 -28.40 13.92 6.90
N VAL B 51 -28.48 12.59 6.72
CA VAL B 51 -27.76 11.69 7.60
C VAL B 51 -26.25 11.76 7.36
N ASP B 52 -25.84 11.92 6.10
CA ASP B 52 -24.42 12.10 5.81
C ASP B 52 -23.89 13.35 6.53
N TYR B 53 -24.63 14.46 6.44
CA TYR B 53 -24.25 15.66 7.18
C TYR B 53 -24.21 15.39 8.68
N THR B 54 -25.18 14.63 9.18
CA THR B 54 -25.20 14.31 10.61
C THR B 54 -24.02 13.44 11.00
N ALA B 55 -23.71 12.42 10.20
CA ALA B 55 -22.62 11.51 10.54
C ALA B 55 -21.27 12.21 10.51
N VAL B 56 -21.05 13.10 9.52
CA VAL B 56 -19.78 13.80 9.43
C VAL B 56 -19.55 14.66 10.68
N GLY B 57 -20.57 15.42 11.08
CA GLY B 57 -20.43 16.23 12.27
C GLY B 57 -20.20 15.41 13.52
N LEU B 58 -20.86 14.24 13.61
CA LEU B 58 -20.73 13.40 14.79
C LEU B 58 -19.39 12.69 14.85
N MET B 59 -18.69 12.54 13.72
CA MET B 59 -17.41 11.84 13.67
C MET B 59 -16.25 12.81 13.41
N SER B 60 -16.39 14.07 13.82
CA SER B 60 -15.36 15.06 13.62
C SER B 60 -15.13 15.83 14.91
N THR B 61 -13.94 16.39 15.06
CA THR B 61 -13.68 17.31 16.15
C THR B 61 -14.36 18.65 15.84
N PRO B 62 -14.70 19.43 16.88
CA PRO B 62 -15.42 20.70 16.64
C PRO B 62 -14.77 21.56 15.58
N ASN B 63 -13.45 21.68 15.58
CA ASN B 63 -12.78 22.47 14.55
C ASN B 63 -12.97 21.87 13.17
N VAL B 64 -13.00 20.53 13.08
CA VAL B 64 -13.18 19.88 11.79
C VAL B 64 -14.63 19.94 11.34
N ALA B 65 -15.57 19.72 12.27
CA ALA B 65 -16.98 19.77 11.89
C ALA B 65 -17.39 21.18 11.47
N GLU B 66 -16.84 22.19 12.13
CA GLU B 66 -17.18 23.57 11.79
C GLU B 66 -16.73 23.91 10.36
N SER B 67 -15.50 23.54 10.01
CA SER B 67 -15.01 23.80 8.67
C SER B 67 -15.86 23.10 7.62
N TYR B 68 -16.26 21.86 7.89
CA TYR B 68 -17.06 21.09 6.94
C TYR B 68 -18.48 21.62 6.84
N GLN B 69 -19.00 22.20 7.92
CA GLN B 69 -20.38 22.70 7.93
C GLN B 69 -20.51 24.07 7.28
N SER B 70 -19.41 24.78 7.03
CA SER B 70 -19.50 26.08 6.37
C SER B 70 -20.10 25.97 4.98
N LYS B 71 -19.89 24.83 4.31
N LYS B 71 -19.88 24.84 4.30
CA LYS B 71 -20.39 24.64 2.95
CA LYS B 71 -20.40 24.68 2.94
C LYS B 71 -21.89 24.52 2.87
C LYS B 71 -21.92 24.69 2.89
N PHE B 72 -22.58 24.38 4.01
CA PHE B 72 -24.02 24.21 4.03
C PHE B 72 -24.76 25.40 4.62
N LYS B 73 -24.05 26.44 5.06
CA LYS B 73 -24.70 27.60 5.64
C LYS B 73 -25.09 28.60 4.56
N GLY B 74 -25.98 29.52 4.93
CA GLY B 74 -26.43 30.55 4.02
C GLY B 74 -27.27 30.02 2.87
N ARG B 75 -27.82 30.93 2.07
CA ARG B 75 -28.64 30.53 0.94
C ARG B 75 -27.84 29.70 -0.06
N ASN B 76 -26.59 30.00 -0.16
CA ASN B 76 -25.82 29.37 -1.17
C ASN B 76 -25.28 28.07 -0.70
N GLY B 77 -25.87 27.55 0.35
CA GLY B 77 -25.50 26.26 0.88
C GLY B 77 -25.60 25.17 -0.16
N LEU B 78 -24.76 24.15 -0.02
CA LEU B 78 -24.66 23.11 -1.03
C LEU B 78 -26.03 22.47 -1.29
N ASP B 79 -26.62 21.87 -0.26
CA ASP B 79 -27.91 21.20 -0.45
C ASP B 79 -28.97 22.15 -0.99
N LYS B 80 -28.91 23.43 -0.62
CA LYS B 80 -29.89 24.40 -1.07
C LYS B 80 -29.65 24.89 -2.49
N VAL B 81 -28.46 24.65 -3.04
CA VAL B 81 -28.16 25.00 -4.42
C VAL B 81 -28.29 23.80 -5.35
N LEU B 82 -27.61 22.70 -5.01
CA LEU B 82 -27.62 21.54 -5.89
C LEU B 82 -28.95 20.81 -5.85
N GLY B 83 -29.54 20.68 -4.67
CA GLY B 83 -30.75 19.88 -4.55
C GLY B 83 -30.50 18.46 -5.03
N ASP B 84 -31.52 17.87 -5.66
CA ASP B 84 -31.43 16.53 -6.20
C ASP B 84 -31.18 16.54 -7.71
N SER B 85 -30.46 17.55 -8.20
CA SER B 85 -30.19 17.66 -9.63
C SER B 85 -28.95 16.88 -10.05
N GLU B 86 -27.99 16.67 -9.15
CA GLU B 86 -26.78 15.93 -9.46
C GLU B 86 -26.45 15.00 -8.29
N THR B 87 -25.50 14.10 -8.53
CA THR B 87 -25.09 13.14 -7.51
C THR B 87 -23.61 12.83 -7.69
N THR B 88 -22.96 12.46 -6.58
CA THR B 88 -21.54 12.11 -6.58
C THR B 88 -21.35 10.90 -5.69
N ARG B 89 -20.86 9.81 -6.26
CA ARG B 89 -20.58 8.58 -5.53
C ARG B 89 -19.08 8.41 -5.34
N VAL B 90 -18.71 7.64 -4.32
CA VAL B 90 -17.32 7.48 -3.92
C VAL B 90 -16.94 6.01 -4.07
N LYS B 91 -15.72 5.78 -4.56
CA LYS B 91 -15.12 4.46 -4.61
C LYS B 91 -13.76 4.52 -3.94
N ILE B 92 -13.57 3.70 -2.91
CA ILE B 92 -12.30 3.70 -2.17
C ILE B 92 -11.29 2.85 -2.92
N ASN B 93 -10.10 3.41 -3.15
CA ASN B 93 -9.03 2.74 -3.87
C ASN B 93 -8.04 2.05 -2.94
N SER B 94 -7.47 2.79 -1.99
CA SER B 94 -6.48 2.21 -1.09
C SER B 94 -6.44 3.01 0.20
N VAL B 95 -6.12 2.33 1.29
CA VAL B 95 -6.02 2.94 2.61
C VAL B 95 -4.68 2.56 3.21
N ILE B 96 -3.96 3.55 3.72
CA ILE B 96 -2.66 3.35 4.36
C ILE B 96 -2.71 3.97 5.75
N LEU B 97 -2.51 3.15 6.77
CA LEU B 97 -2.64 3.58 8.15
C LEU B 97 -1.27 3.83 8.78
N ASP B 98 -1.24 4.82 9.67
CA ASP B 98 -0.14 5.03 10.62
C ASP B 98 -0.77 5.02 12.00
N LYS B 99 -1.05 3.82 12.50
CA LYS B 99 -1.84 3.69 13.74
C LYS B 99 -1.23 4.45 14.91
N PRO B 100 0.06 4.30 15.24
CA PRO B 100 0.60 4.96 16.42
C PRO B 100 0.36 6.46 16.44
N HIS B 101 0.12 7.06 15.27
CA HIS B 101 -0.04 8.49 15.14
C HIS B 101 -1.45 8.91 14.72
N GLY B 102 -2.36 7.96 14.54
CA GLY B 102 -3.70 8.30 14.10
C GLY B 102 -3.73 9.06 12.79
N VAL B 103 -2.87 8.68 11.85
CA VAL B 103 -2.79 9.31 10.55
C VAL B 103 -3.09 8.26 9.48
N ALA B 104 -3.82 8.67 8.45
CA ALA B 104 -4.21 7.76 7.38
C ALA B 104 -4.26 8.50 6.05
N THR B 105 -3.76 7.84 5.01
CA THR B 105 -3.84 8.35 3.64
C THR B 105 -4.79 7.45 2.87
N ILE B 106 -5.88 8.03 2.36
CA ILE B 106 -6.91 7.29 1.67
C ILE B 106 -7.04 7.85 0.25
N ARG B 107 -6.89 6.98 -0.73
CA ARG B 107 -7.08 7.34 -2.14
C ARG B 107 -8.45 6.85 -2.59
N PHE B 108 -9.20 7.73 -3.25
CA PHE B 108 -10.56 7.41 -3.66
C PHE B 108 -10.86 8.08 -4.98
N THR B 109 -11.94 7.64 -5.62
CA THR B 109 -12.40 8.15 -6.90
C THR B 109 -13.84 8.61 -6.79
N THR B 110 -14.17 9.68 -7.50
CA THR B 110 -15.51 10.22 -7.53
C THR B 110 -16.08 10.19 -8.94
N VAL B 111 -17.39 9.97 -9.04
CA VAL B 111 -18.10 9.93 -10.30
C VAL B 111 -19.38 10.74 -10.13
N ARG B 112 -19.49 11.84 -10.87
CA ARG B 112 -20.60 12.77 -10.74
C ARG B 112 -21.59 12.58 -11.88
N ARG B 113 -22.88 12.64 -11.55
CA ARG B 113 -23.95 12.42 -12.51
C ARG B 113 -24.92 13.59 -12.46
N VAL B 114 -24.90 14.43 -13.49
CA VAL B 114 -25.89 15.48 -13.64
C VAL B 114 -27.17 14.86 -14.20
N ARG B 115 -28.26 14.94 -13.43
CA ARG B 115 -29.48 14.23 -13.81
C ARG B 115 -30.02 14.67 -15.17
N SER B 116 -29.60 15.82 -15.68
CA SER B 116 -30.04 16.24 -17.00
C SER B 116 -29.18 15.67 -18.11
N ASN B 117 -27.93 15.29 -17.82
CA ASN B 117 -27.07 14.70 -18.82
C ASN B 117 -27.36 13.21 -18.97
N PRO B 118 -27.12 12.65 -20.15
CA PRO B 118 -27.48 11.24 -20.38
C PRO B 118 -26.57 10.25 -19.68
N VAL B 119 -25.30 10.60 -19.44
CA VAL B 119 -24.32 9.68 -18.88
C VAL B 119 -23.61 10.37 -17.71
N ASP B 120 -22.85 9.57 -16.96
CA ASP B 120 -22.08 10.08 -15.84
C ASP B 120 -20.88 10.88 -16.33
N ASP B 121 -20.39 11.76 -15.47
CA ASP B 121 -19.19 12.52 -15.78
C ASP B 121 -17.96 11.64 -15.70
N GLN B 122 -16.82 12.20 -16.09
CA GLN B 122 -15.58 11.44 -16.07
C GLN B 122 -15.06 11.31 -14.65
N PRO B 123 -14.51 10.15 -14.29
CA PRO B 123 -14.05 9.94 -12.91
C PRO B 123 -12.94 10.91 -12.53
N GLN B 124 -12.78 11.10 -11.21
CA GLN B 124 -11.75 11.95 -10.64
C GLN B 124 -11.09 11.23 -9.47
N ARG B 125 -9.78 11.33 -9.38
CA ARG B 125 -9.00 10.64 -8.35
C ARG B 125 -8.44 11.66 -7.35
N TRP B 126 -8.47 11.28 -6.08
CA TRP B 126 -8.11 12.18 -4.99
C TRP B 126 -7.22 11.45 -3.98
N ILE B 127 -6.70 12.23 -3.03
CA ILE B 127 -5.91 11.71 -1.92
C ILE B 127 -6.34 12.44 -0.66
N ALA B 128 -6.73 11.69 0.37
CA ALA B 128 -7.18 12.25 1.63
C ALA B 128 -6.14 11.97 2.71
N ILE B 129 -5.62 13.02 3.32
CA ILE B 129 -4.70 12.90 4.46
C ILE B 129 -5.52 13.19 5.71
N MET B 130 -5.64 12.20 6.58
CA MET B 130 -6.57 12.25 7.70
C MET B 130 -5.84 12.00 9.01
N GLY B 131 -6.27 12.69 10.05
CA GLY B 131 -5.90 12.38 11.42
C GLY B 131 -7.15 11.95 12.17
N TYR B 132 -7.02 10.93 13.00
CA TYR B 132 -8.18 10.35 13.66
C TYR B 132 -7.82 9.91 15.07
N GLU B 133 -8.87 9.68 15.86
CA GLU B 133 -8.79 9.30 17.26
C GLU B 133 -10.13 8.74 17.74
N TYR B 134 -10.13 8.07 18.88
CA TYR B 134 -11.38 7.62 19.50
C TYR B 134 -11.48 8.28 20.87
N LYS B 135 -12.64 8.90 21.14
CA LYS B 135 -12.83 9.66 22.38
C LYS B 135 -13.99 9.08 23.17
N SER B 136 -13.78 8.96 24.48
CA SER B 136 -14.85 8.63 25.42
C SER B 136 -15.63 9.91 25.73
N LEU B 137 -16.85 10.01 25.23
CA LEU B 137 -17.64 11.22 25.38
C LEU B 137 -19.11 10.85 25.51
N ALA B 138 -19.86 11.73 26.16
CA ALA B 138 -21.28 11.48 26.38
C ALA B 138 -22.05 11.50 25.07
N MET B 139 -22.76 10.41 24.77
CA MET B 139 -23.57 10.31 23.58
C MET B 139 -24.98 9.87 23.96
N ASN B 140 -25.95 10.35 23.18
CA ASN B 140 -27.34 9.95 23.38
C ASN B 140 -27.62 8.64 22.66
N ALA B 141 -28.89 8.23 22.68
CA ALA B 141 -29.27 6.98 22.03
C ALA B 141 -28.94 7.00 20.54
N GLU B 142 -29.41 8.03 19.84
CA GLU B 142 -29.22 8.10 18.39
C GLU B 142 -27.75 8.23 18.02
N GLN B 143 -27.00 9.04 18.79
CA GLN B 143 -25.58 9.21 18.50
C GLN B 143 -24.81 7.93 18.76
N ARG B 144 -25.10 7.25 19.87
CA ARG B 144 -24.49 5.94 20.12
C ARG B 144 -24.81 4.96 19.00
N TYR B 145 -25.98 5.11 18.38
CA TYR B 145 -26.37 4.22 17.28
C TYR B 145 -25.42 4.36 16.10
N VAL B 146 -25.01 5.58 15.78
CA VAL B 146 -24.20 5.83 14.59
C VAL B 146 -22.70 5.70 14.87
N ASN B 147 -22.24 6.17 16.01
CA ASN B 147 -20.81 6.21 16.35
C ASN B 147 -20.60 5.57 17.71
N PRO B 148 -20.72 4.24 17.79
CA PRO B 148 -20.63 3.58 19.11
C PRO B 148 -19.27 3.76 19.78
N LEU B 149 -18.18 3.64 19.03
CA LEU B 149 -16.84 3.70 19.59
C LEU B 149 -16.31 5.11 19.74
N GLY B 150 -17.12 6.13 19.45
CA GLY B 150 -16.65 7.50 19.59
C GLY B 150 -15.54 7.88 18.63
N PHE B 151 -15.59 7.37 17.41
CA PHE B 151 -14.58 7.72 16.41
C PHE B 151 -14.79 9.14 15.94
N ARG B 152 -13.68 9.84 15.66
CA ARG B 152 -13.78 11.20 15.14
C ARG B 152 -12.49 11.56 14.42
N VAL B 153 -12.63 12.39 13.39
CA VAL B 153 -11.51 12.85 12.59
C VAL B 153 -11.00 14.17 13.16
N THR B 154 -9.69 14.28 13.36
CA THR B 154 -9.08 15.47 13.94
C THR B 154 -8.36 16.33 12.91
N SER B 155 -8.09 15.81 11.71
CA SER B 155 -7.52 16.58 10.62
C SER B 155 -8.06 16.00 9.32
N TYR B 156 -8.27 16.89 8.35
CA TYR B 156 -8.68 16.49 7.04
C TYR B 156 -8.10 17.43 6.01
N ARG B 157 -7.77 16.87 4.86
CA ARG B 157 -7.51 17.66 3.66
C ARG B 157 -7.45 16.72 2.47
N VAL B 158 -8.02 17.16 1.35
CA VAL B 158 -8.08 16.37 0.12
C VAL B 158 -7.32 17.11 -0.97
N ASN B 159 -6.68 16.36 -1.84
CA ASN B 159 -5.90 16.91 -2.93
C ASN B 159 -6.03 16.02 -4.14
N PRO B 160 -5.86 16.56 -5.35
CA PRO B 160 -5.99 15.74 -6.56
C PRO B 160 -4.83 14.79 -6.73
N GLU B 161 -5.04 13.80 -7.58
CA GLU B 161 -4.01 12.79 -7.85
C GLU B 161 -3.09 13.23 -8.99
N THR C 23 -27.96 -3.40 21.76
CA THR C 23 -28.06 -4.53 20.83
C THR C 23 -28.64 -4.08 19.49
N SER C 24 -28.34 -2.86 19.11
CA SER C 24 -28.66 -2.39 17.80
C SER C 24 -27.73 -1.26 17.45
N TYR C 25 -27.27 -1.16 16.21
CA TYR C 25 -26.27 -0.15 15.84
C TYR C 25 -26.58 0.51 14.50
N GLY C 26 -26.82 -0.28 13.47
CA GLY C 26 -27.15 0.27 12.17
C GLY C 26 -26.67 -0.62 11.05
N ASP C 27 -27.20 -0.36 9.84
CA ASP C 27 -26.91 -1.21 8.69
C ASP C 27 -25.40 -1.30 8.44
N GLU C 28 -24.74 -0.16 8.29
CA GLU C 28 -23.33 -0.18 7.90
C GLU C 28 -22.45 -0.84 8.95
N ILE C 29 -22.78 -0.70 10.23
CA ILE C 29 -22.01 -1.36 11.26
C ILE C 29 -22.25 -2.88 11.22
N ASP C 30 -23.52 -3.28 11.12
CA ASP C 30 -23.83 -4.70 11.01
C ASP C 30 -23.14 -5.32 9.81
N LYS C 31 -23.25 -4.67 8.64
CA LYS C 31 -22.64 -5.22 7.44
C LYS C 31 -21.14 -5.42 7.61
N PHE C 32 -20.48 -4.49 8.31
CA PHE C 32 -19.03 -4.61 8.50
C PHE C 32 -18.68 -5.89 9.25
N TRP C 33 -19.34 -6.13 10.39
CA TRP C 33 -19.04 -7.32 11.17
C TRP C 33 -19.48 -8.59 10.44
N LEU C 34 -20.62 -8.55 9.78
CA LEU C 34 -21.09 -9.71 9.03
C LEU C 34 -20.11 -10.09 7.93
N THR C 35 -19.73 -9.12 7.10
CA THR C 35 -18.79 -9.41 6.00
C THR C 35 -17.43 -9.82 6.54
N GLN C 36 -16.99 -9.18 7.62
CA GLN C 36 -15.72 -9.56 8.24
C GLN C 36 -15.76 -10.99 8.76
N TYR C 37 -16.93 -11.44 9.22
CA TYR C 37 -17.07 -12.82 9.68
C TYR C 37 -16.88 -13.80 8.54
N VAL C 38 -17.53 -13.55 7.41
CA VAL C 38 -17.38 -14.43 6.25
C VAL C 38 -15.94 -14.40 5.75
N ILE C 39 -15.33 -13.21 5.73
CA ILE C 39 -13.95 -13.09 5.26
C ILE C 39 -13.00 -13.90 6.13
N HIS C 40 -13.28 -13.97 7.43
CA HIS C 40 -12.44 -14.78 8.31
C HIS C 40 -12.72 -16.27 8.16
N ARG C 41 -13.99 -16.65 8.14
CA ARG C 41 -14.34 -18.06 8.20
C ARG C 41 -14.11 -18.76 6.86
N GLU C 42 -14.35 -18.08 5.75
CA GLU C 42 -14.31 -18.68 4.43
C GLU C 42 -13.00 -18.47 3.69
N SER C 43 -12.01 -17.85 4.34
CA SER C 43 -10.69 -17.67 3.75
C SER C 43 -9.69 -18.60 4.39
N TYR C 44 -8.66 -18.97 3.63
CA TYR C 44 -7.55 -19.77 4.16
C TYR C 44 -6.23 -19.11 3.77
N ASP C 45 -5.47 -18.68 4.77
CA ASP C 45 -4.14 -18.14 4.56
C ASP C 45 -3.26 -18.65 5.71
N PHE C 46 -2.20 -19.38 5.37
CA PHE C 46 -1.37 -20.00 6.39
C PHE C 46 -0.87 -18.99 7.41
N TYR C 47 -0.44 -17.82 6.94
CA TYR C 47 0.12 -16.80 7.83
C TYR C 47 -0.94 -15.99 8.56
N SER C 48 -2.20 -16.23 8.26
CA SER C 48 -3.26 -15.64 9.01
C SER C 48 -4.27 -16.55 9.67
N VAL C 49 -4.23 -17.83 9.41
CA VAL C 49 -5.26 -18.76 9.86
C VAL C 49 -5.39 -18.78 11.38
N GLN C 50 -4.34 -18.40 12.11
CA GLN C 50 -4.45 -18.34 13.56
C GLN C 50 -5.27 -17.13 13.99
N VAL C 51 -5.12 -16.01 13.28
CA VAL C 51 -5.94 -14.83 13.57
C VAL C 51 -7.38 -15.09 13.19
N ASP C 52 -7.60 -15.62 11.98
CA ASP C 52 -8.96 -15.93 11.55
C ASP C 52 -9.62 -16.92 12.50
N TYR C 53 -8.88 -17.93 12.94
CA TYR C 53 -9.42 -18.91 13.88
C TYR C 53 -9.91 -18.25 15.16
N THR C 54 -9.06 -17.40 15.75
CA THR C 54 -9.45 -16.67 16.95
C THR C 54 -10.69 -15.81 16.70
N ALA C 55 -10.69 -15.09 15.57
CA ALA C 55 -11.79 -14.18 15.27
C ALA C 55 -13.12 -14.94 15.21
N VAL C 56 -13.14 -16.07 14.50
CA VAL C 56 -14.38 -16.83 14.34
C VAL C 56 -14.92 -17.23 15.70
N GLY C 57 -14.05 -17.75 16.57
CA GLY C 57 -14.51 -18.19 17.88
C GLY C 57 -15.15 -17.09 18.71
N LEU C 58 -14.64 -15.86 18.57
CA LEU C 58 -15.18 -14.74 19.33
C LEU C 58 -16.49 -14.23 18.74
N MET C 59 -16.66 -14.30 17.43
CA MET C 59 -17.86 -13.80 16.76
C MET C 59 -18.92 -14.87 16.57
N SER C 60 -18.72 -16.07 17.11
CA SER C 60 -19.65 -17.16 16.94
C SER C 60 -20.06 -17.72 18.31
N THR C 61 -21.26 -18.25 18.38
CA THR C 61 -21.66 -19.01 19.55
C THR C 61 -21.02 -20.39 19.51
N PRO C 62 -20.80 -21.01 20.67
CA PRO C 62 -20.22 -22.37 20.67
C PRO C 62 -20.93 -23.32 19.73
N ASN C 63 -22.23 -23.14 19.52
CA ASN C 63 -22.95 -23.96 18.55
C ASN C 63 -22.45 -23.70 17.14
N VAL C 64 -22.21 -22.44 16.80
CA VAL C 64 -21.76 -22.09 15.45
C VAL C 64 -20.26 -22.38 15.29
N ALA C 65 -19.47 -22.19 16.34
CA ALA C 65 -18.02 -22.35 16.22
C ALA C 65 -17.63 -23.81 16.09
N GLU C 66 -18.35 -24.72 16.75
CA GLU C 66 -17.99 -26.14 16.71
C GLU C 66 -17.98 -26.66 15.28
N SER C 67 -18.95 -26.24 14.46
CA SER C 67 -18.97 -26.67 13.07
C SER C 67 -17.72 -26.24 12.32
N TYR C 68 -17.10 -25.14 12.75
CA TYR C 68 -15.92 -24.60 12.08
C TYR C 68 -14.63 -25.09 12.70
N GLN C 69 -14.58 -25.21 14.03
CA GLN C 69 -13.34 -25.60 14.69
C GLN C 69 -12.96 -27.05 14.39
N SER C 70 -13.95 -27.93 14.19
CA SER C 70 -13.65 -29.34 13.96
C SER C 70 -12.73 -29.52 12.75
N LYS C 71 -12.83 -28.64 11.76
CA LYS C 71 -12.04 -28.78 10.54
C LYS C 71 -10.54 -28.65 10.81
N PHE C 72 -10.14 -28.19 11.99
CA PHE C 72 -8.73 -28.00 12.31
C PHE C 72 -8.20 -28.94 13.38
N LYS C 73 -9.05 -29.43 14.28
CA LYS C 73 -8.61 -30.33 15.32
C LYS C 73 -7.99 -31.60 14.73
N GLY C 74 -7.12 -32.23 15.52
CA GLY C 74 -6.48 -33.47 15.11
C GLY C 74 -5.17 -33.21 14.37
N ARG C 75 -4.39 -34.30 14.25
CA ARG C 75 -3.10 -34.23 13.57
C ARG C 75 -3.24 -34.03 12.06
N ASN C 76 -4.44 -34.18 11.51
CA ASN C 76 -4.70 -33.97 10.09
C ASN C 76 -5.62 -32.78 9.87
N GLY C 77 -5.45 -31.73 10.67
CA GLY C 77 -6.24 -30.52 10.51
C GLY C 77 -6.06 -29.90 9.14
N LEU C 78 -6.93 -28.94 8.85
CA LEU C 78 -6.91 -28.29 7.55
C LEU C 78 -5.59 -27.56 7.31
N ASP C 79 -5.17 -26.74 8.28
CA ASP C 79 -3.93 -25.99 8.11
C ASP C 79 -2.71 -26.91 8.08
N LYS C 80 -2.78 -28.06 8.76
CA LYS C 80 -1.65 -28.96 8.82
C LYS C 80 -1.46 -29.72 7.51
N VAL C 81 -2.56 -30.03 6.82
CA VAL C 81 -2.45 -30.76 5.55
C VAL C 81 -2.12 -29.81 4.41
N LEU C 82 -2.75 -28.64 4.38
CA LEU C 82 -2.50 -27.68 3.31
C LEU C 82 -1.15 -26.99 3.46
N GLY C 83 -0.69 -26.78 4.69
CA GLY C 83 0.56 -26.05 4.88
C GLY C 83 0.43 -24.63 4.38
N ASP C 84 1.37 -24.22 3.53
CA ASP C 84 1.32 -22.93 2.87
C ASP C 84 1.31 -23.09 1.35
N SER C 85 0.67 -24.16 0.87
CA SER C 85 0.70 -24.50 -0.54
C SER C 85 -0.43 -23.87 -1.35
N GLU C 86 -1.49 -23.41 -0.69
CA GLU C 86 -2.62 -22.83 -1.41
C GLU C 86 -3.25 -21.74 -0.57
N THR C 87 -4.18 -21.01 -1.18
CA THR C 87 -4.92 -19.96 -0.50
C THR C 87 -6.31 -19.86 -1.12
N THR C 88 -7.27 -19.41 -0.31
CA THR C 88 -8.63 -19.15 -0.76
C THR C 88 -9.01 -17.75 -0.30
N ARG C 89 -9.31 -16.88 -1.25
CA ARG C 89 -9.68 -15.50 -0.96
C ARG C 89 -11.19 -15.33 -1.06
N VAL C 90 -11.73 -14.46 -0.21
CA VAL C 90 -13.16 -14.18 -0.16
C VAL C 90 -13.42 -12.83 -0.82
N LYS C 91 -14.50 -12.75 -1.57
CA LYS C 91 -14.93 -11.52 -2.24
C LYS C 91 -16.41 -11.31 -1.97
N ILE C 92 -16.72 -10.29 -1.16
CA ILE C 92 -18.12 -10.01 -0.84
C ILE C 92 -18.79 -9.36 -2.05
N ASN C 93 -19.98 -9.85 -2.40
CA ASN C 93 -20.72 -9.37 -3.55
C ASN C 93 -21.93 -8.53 -3.18
N SER C 94 -22.72 -8.95 -2.20
CA SER C 94 -23.88 -8.19 -1.77
C SER C 94 -24.30 -8.65 -0.39
N VAL C 95 -24.76 -7.71 0.43
CA VAL C 95 -25.24 -7.98 1.78
C VAL C 95 -26.65 -7.45 1.90
N ILE C 96 -27.58 -8.31 2.29
CA ILE C 96 -28.98 -7.94 2.48
C ILE C 96 -29.34 -8.25 3.93
N LEU C 97 -29.80 -7.23 4.65
CA LEU C 97 -30.10 -7.35 6.08
C LEU C 97 -31.60 -7.45 6.30
N ASP C 98 -31.99 -8.52 6.99
CA ASP C 98 -33.30 -8.62 7.61
C ASP C 98 -33.16 -8.04 9.01
N LYS C 99 -32.98 -6.72 9.09
CA LYS C 99 -32.73 -6.04 10.36
C LYS C 99 -33.76 -6.34 11.45
N PRO C 100 -35.06 -6.20 11.23
CA PRO C 100 -36.02 -6.45 12.31
C PRO C 100 -35.98 -7.87 12.87
N HIS C 101 -35.47 -8.83 12.11
CA HIS C 101 -35.43 -10.22 12.53
C HIS C 101 -34.04 -10.73 12.83
N GLY C 102 -33.00 -9.89 12.68
CA GLY C 102 -31.66 -10.31 12.98
C GLY C 102 -31.09 -11.34 12.03
N VAL C 103 -31.50 -11.31 10.76
CA VAL C 103 -31.01 -12.25 9.76
C VAL C 103 -30.50 -11.47 8.56
N ALA C 104 -29.47 -12.01 7.91
CA ALA C 104 -28.90 -11.39 6.72
C ALA C 104 -28.42 -12.48 5.78
N THR C 105 -28.31 -12.12 4.50
CA THR C 105 -27.83 -13.02 3.46
C THR C 105 -26.62 -12.40 2.81
N ILE C 106 -25.47 -13.07 2.92
CA ILE C 106 -24.20 -12.59 2.40
C ILE C 106 -23.82 -13.43 1.20
N ARG C 107 -23.89 -12.85 0.01
CA ARG C 107 -23.41 -13.49 -1.21
C ARG C 107 -21.95 -13.11 -1.43
N PHE C 108 -21.09 -14.12 -1.58
CA PHE C 108 -19.67 -13.86 -1.73
C PHE C 108 -19.07 -14.85 -2.72
N THR C 109 -17.87 -14.53 -3.18
CA THR C 109 -17.13 -15.37 -4.10
C THR C 109 -15.81 -15.80 -3.46
N THR C 110 -15.45 -17.06 -3.64
CA THR C 110 -14.17 -17.59 -3.20
C THR C 110 -13.33 -17.94 -4.42
N VAL C 111 -12.02 -17.78 -4.27
CA VAL C 111 -11.07 -18.08 -5.34
C VAL C 111 -9.88 -18.81 -4.71
N ARG C 112 -9.72 -20.09 -5.05
CA ARG C 112 -8.60 -20.89 -4.55
C ARG C 112 -7.43 -20.76 -5.52
N ARG C 113 -6.24 -20.55 -4.96
CA ARG C 113 -5.03 -20.38 -5.75
C ARG C 113 -3.93 -21.28 -5.19
N VAL C 114 -3.53 -22.29 -5.97
CA VAL C 114 -2.41 -23.14 -5.59
C VAL C 114 -1.12 -22.40 -5.96
N ARG C 115 -0.28 -22.15 -4.96
CA ARG C 115 0.93 -21.37 -5.20
C ARG C 115 1.80 -21.97 -6.30
N SER C 116 1.78 -23.30 -6.44
CA SER C 116 2.57 -23.93 -7.50
C SER C 116 1.91 -23.75 -8.86
N ASN C 117 0.59 -23.60 -8.90
CA ASN C 117 -0.10 -23.40 -10.16
C ASN C 117 0.14 -21.99 -10.69
N PRO C 118 0.06 -21.79 -12.01
CA PRO C 118 0.25 -20.45 -12.57
C PRO C 118 -1.02 -19.62 -12.51
N VAL C 119 -2.15 -20.22 -12.86
CA VAL C 119 -3.43 -19.54 -12.89
C VAL C 119 -4.26 -19.96 -11.69
N ASP C 120 -5.09 -19.03 -11.20
CA ASP C 120 -5.98 -19.33 -10.09
C ASP C 120 -7.08 -20.28 -10.54
N ASP C 121 -7.71 -20.92 -9.56
CA ASP C 121 -8.86 -21.76 -9.85
C ASP C 121 -10.08 -20.90 -10.18
N GLN C 122 -11.12 -21.55 -10.69
CA GLN C 122 -12.33 -20.82 -11.05
C GLN C 122 -13.10 -20.44 -9.79
N PRO C 123 -13.60 -19.20 -9.72
CA PRO C 123 -14.32 -18.77 -8.52
C PRO C 123 -15.55 -19.63 -8.26
N GLN C 124 -16.08 -19.50 -7.05
CA GLN C 124 -17.27 -20.24 -6.64
C GLN C 124 -18.13 -19.31 -5.80
N ARG C 125 -19.35 -19.04 -6.26
CA ARG C 125 -20.27 -18.15 -5.56
C ARG C 125 -21.09 -18.95 -4.55
N TRP C 126 -21.28 -18.36 -3.38
CA TRP C 126 -21.98 -19.02 -2.28
C TRP C 126 -23.07 -18.12 -1.72
N ILE C 127 -23.88 -18.69 -0.84
CA ILE C 127 -24.94 -17.96 -0.15
C ILE C 127 -24.78 -18.20 1.34
N ALA C 128 -24.83 -17.11 2.12
CA ALA C 128 -24.66 -17.17 3.57
C ALA C 128 -25.91 -16.59 4.22
N ILE C 129 -26.69 -17.46 4.86
CA ILE C 129 -27.87 -17.07 5.62
C ILE C 129 -27.46 -17.01 7.09
N MET C 130 -27.28 -15.81 7.62
CA MET C 130 -26.72 -15.61 8.94
C MET C 130 -27.72 -14.97 9.88
N GLY C 131 -27.76 -15.46 11.12
CA GLY C 131 -28.47 -14.80 12.19
C GLY C 131 -27.50 -14.31 13.23
N TYR C 132 -27.55 -13.03 13.59
CA TYR C 132 -26.55 -12.45 14.47
C TYR C 132 -27.23 -11.64 15.57
N GLU C 133 -26.40 -11.15 16.49
CA GLU C 133 -26.85 -10.32 17.60
C GLU C 133 -25.65 -9.63 18.22
N TYR C 134 -25.93 -8.72 19.15
CA TYR C 134 -24.90 -8.00 19.89
C TYR C 134 -25.10 -8.23 21.38
N LYS C 135 -23.99 -8.42 22.09
CA LYS C 135 -24.02 -8.64 23.52
C LYS C 135 -23.19 -7.60 24.26
N MET C 139 -13.48 -7.93 28.26
CA MET C 139 -12.68 -6.71 28.20
C MET C 139 -11.19 -7.03 28.32
N ASN C 140 -10.58 -7.45 27.23
CA ASN C 140 -9.14 -7.68 27.17
C ASN C 140 -8.51 -6.73 26.16
N ALA C 141 -7.19 -6.82 26.01
CA ALA C 141 -6.49 -5.96 25.06
C ALA C 141 -6.56 -6.50 23.64
N GLU C 142 -6.67 -7.82 23.47
CA GLU C 142 -6.75 -8.41 22.14
C GLU C 142 -8.17 -8.33 21.57
N GLN C 143 -9.16 -8.77 22.35
CA GLN C 143 -10.55 -8.64 21.91
C GLN C 143 -10.88 -7.21 21.50
N ARG C 144 -10.22 -6.24 22.11
CA ARG C 144 -10.43 -4.84 21.76
C ARG C 144 -10.28 -4.62 20.26
N TYR C 145 -9.28 -5.25 19.65
CA TYR C 145 -8.99 -5.10 18.23
C TYR C 145 -9.66 -6.18 17.38
N VAL C 146 -10.72 -6.81 17.88
CA VAL C 146 -11.36 -7.90 17.15
C VAL C 146 -12.87 -7.71 17.13
N ASN C 147 -13.49 -7.86 18.29
CA ASN C 147 -14.93 -7.67 18.44
C ASN C 147 -15.29 -6.85 19.68
N PRO C 148 -15.03 -5.55 19.66
CA PRO C 148 -15.32 -4.73 20.85
C PRO C 148 -16.80 -4.47 21.06
N LEU C 149 -17.63 -4.67 20.05
CA LEU C 149 -19.08 -4.42 20.16
C LEU C 149 -19.86 -5.64 20.59
N GLY C 150 -19.19 -6.74 20.92
CA GLY C 150 -19.89 -7.95 21.30
C GLY C 150 -20.69 -8.60 20.19
N PHE C 151 -20.38 -8.28 18.94
CA PHE C 151 -21.06 -8.90 17.82
C PHE C 151 -20.95 -10.41 17.89
N ARG C 152 -22.08 -11.10 17.75
CA ARG C 152 -22.11 -12.55 17.82
C ARG C 152 -23.03 -13.11 16.75
N VAL C 153 -22.63 -14.24 16.18
CA VAL C 153 -23.42 -14.94 15.17
C VAL C 153 -24.08 -16.15 15.83
N THR C 154 -25.39 -16.30 15.61
CA THR C 154 -26.15 -17.38 16.23
C THR C 154 -26.52 -18.51 15.27
N SER C 155 -26.55 -18.24 13.97
CA SER C 155 -26.83 -19.27 12.97
C SER C 155 -26.05 -18.96 11.71
N TYR C 156 -25.46 -20.00 11.12
CA TYR C 156 -24.63 -19.84 9.93
C TYR C 156 -24.87 -21.02 9.00
N ARG C 157 -25.10 -20.74 7.73
CA ARG C 157 -25.32 -21.77 6.72
C ARG C 157 -24.91 -21.23 5.37
N VAL C 158 -23.98 -21.92 4.71
CA VAL C 158 -23.48 -21.53 3.40
C VAL C 158 -23.95 -22.55 2.37
N ASN C 159 -24.54 -22.06 1.29
CA ASN C 159 -25.01 -22.88 0.19
C ASN C 159 -24.44 -22.35 -1.11
N PRO C 160 -24.32 -23.19 -2.14
CA PRO C 160 -23.80 -22.71 -3.42
C PRO C 160 -24.80 -21.80 -4.13
N GLU C 161 -24.33 -21.18 -5.20
CA GLU C 161 -25.16 -20.28 -5.98
C GLU C 161 -25.79 -21.01 -7.16
N THR D 23 16.60 -15.62 -2.49
CA THR D 23 16.87 -15.56 -1.07
C THR D 23 16.03 -14.47 -0.40
N SER D 24 16.71 -13.56 0.31
CA SER D 24 16.07 -12.44 0.95
C SER D 24 17.07 -11.29 1.05
N TYR D 25 16.70 -10.15 0.52
CA TYR D 25 17.57 -9.02 0.49
C TYR D 25 16.97 -7.71 1.01
N GLY D 26 15.70 -7.66 1.30
CA GLY D 26 15.08 -6.43 1.80
C GLY D 26 14.04 -5.85 0.86
N ASP D 27 13.08 -5.08 1.40
CA ASP D 27 11.98 -4.59 0.57
C ASP D 27 12.45 -3.64 -0.51
N GLU D 28 13.26 -2.64 -0.16
CA GLU D 28 13.69 -1.65 -1.14
C GLU D 28 14.57 -2.27 -2.22
N ILE D 29 15.34 -3.30 -1.89
CA ILE D 29 16.12 -3.99 -2.91
C ILE D 29 15.20 -4.77 -3.84
N ASP D 30 14.14 -5.36 -3.29
CA ASP D 30 13.17 -6.07 -4.12
C ASP D 30 12.46 -5.13 -5.07
N LYS D 31 12.00 -3.99 -4.57
CA LYS D 31 11.27 -3.03 -5.40
C LYS D 31 12.13 -2.45 -6.52
N PHE D 32 13.46 -2.43 -6.35
CA PHE D 32 14.33 -1.89 -7.39
C PHE D 32 14.37 -2.81 -8.60
N TRP D 33 14.67 -4.09 -8.37
CA TRP D 33 14.74 -5.04 -9.49
C TRP D 33 13.36 -5.27 -10.10
N LEU D 34 12.31 -5.29 -9.27
CA LEU D 34 10.97 -5.49 -9.78
C LEU D 34 10.55 -4.33 -10.67
N THR D 35 10.71 -3.09 -10.19
CA THR D 35 10.34 -1.93 -10.99
C THR D 35 11.29 -1.76 -12.17
N GLN D 36 12.59 -2.01 -11.96
CA GLN D 36 13.53 -1.99 -13.08
C GLN D 36 13.17 -3.04 -14.13
N TYR D 37 12.59 -4.16 -13.70
CA TYR D 37 12.15 -5.18 -14.66
C TYR D 37 10.97 -4.68 -15.48
N VAL D 38 9.95 -4.12 -14.82
CA VAL D 38 8.78 -3.62 -15.52
C VAL D 38 9.18 -2.53 -16.51
N ILE D 39 10.13 -1.68 -16.13
CA ILE D 39 10.56 -0.60 -17.01
C ILE D 39 11.32 -1.16 -18.21
N HIS D 40 12.10 -2.23 -17.99
CA HIS D 40 12.82 -2.84 -19.10
C HIS D 40 11.88 -3.51 -20.09
N ARG D 41 10.82 -4.15 -19.59
CA ARG D 41 9.98 -5.01 -20.42
C ARG D 41 8.77 -4.29 -21.01
N GLU D 42 8.33 -3.18 -20.42
CA GLU D 42 7.11 -2.51 -20.86
C GLU D 42 7.38 -1.22 -21.62
N SER D 43 8.65 -0.82 -21.76
CA SER D 43 9.01 0.37 -22.53
C SER D 43 9.49 -0.04 -23.92
N TYR D 44 9.54 0.93 -24.83
CA TYR D 44 10.03 0.69 -26.18
C TYR D 44 10.86 1.88 -26.64
N ASP D 45 12.16 1.64 -26.83
CA ASP D 45 13.06 2.61 -27.44
C ASP D 45 14.07 1.82 -28.26
N PHE D 46 14.07 2.02 -29.58
CA PHE D 46 14.88 1.18 -30.46
C PHE D 46 16.34 1.13 -30.02
N TYR D 47 16.89 2.28 -29.61
CA TYR D 47 18.30 2.32 -29.24
C TYR D 47 18.60 1.47 -28.00
N SER D 48 17.61 1.29 -27.13
CA SER D 48 17.80 0.56 -25.89
C SER D 48 17.17 -0.82 -25.89
N VAL D 49 16.58 -1.24 -27.01
CA VAL D 49 15.92 -2.55 -27.04
C VAL D 49 16.93 -3.68 -26.83
N GLN D 50 18.18 -3.46 -27.24
CA GLN D 50 19.21 -4.50 -27.08
C GLN D 50 19.41 -4.85 -25.62
N VAL D 51 19.74 -3.86 -24.80
CA VAL D 51 19.95 -4.12 -23.38
C VAL D 51 18.62 -4.39 -22.69
N ASP D 52 17.57 -3.66 -23.05
CA ASP D 52 16.25 -3.94 -22.49
C ASP D 52 15.84 -5.38 -22.75
N TYR D 53 16.16 -5.90 -23.93
CA TYR D 53 15.83 -7.28 -24.25
C TYR D 53 16.69 -8.25 -23.45
N THR D 54 17.99 -7.98 -23.35
CA THR D 54 18.89 -8.87 -22.64
C THR D 54 18.51 -8.99 -21.17
N ALA D 55 18.45 -7.86 -20.47
CA ALA D 55 18.18 -7.87 -19.03
C ALA D 55 16.91 -8.66 -18.71
N VAL D 56 15.90 -8.57 -19.58
CA VAL D 56 14.67 -9.31 -19.34
C VAL D 56 14.93 -10.81 -19.31
N GLY D 57 15.96 -11.28 -20.00
CA GLY D 57 16.29 -12.69 -20.02
C GLY D 57 16.86 -13.18 -18.71
N LEU D 58 17.92 -12.55 -18.23
CA LEU D 58 18.55 -13.00 -17.00
C LEU D 58 17.54 -12.92 -15.88
N MET D 59 16.72 -11.88 -15.91
CA MET D 59 15.77 -11.61 -14.85
C MET D 59 14.44 -12.34 -15.03
N SER D 60 14.41 -13.36 -15.88
CA SER D 60 13.20 -14.12 -16.13
C SER D 60 13.54 -15.60 -16.21
N THR D 61 12.60 -16.43 -15.75
CA THR D 61 12.74 -17.87 -15.94
C THR D 61 12.57 -18.20 -17.43
N PRO D 62 13.26 -19.23 -17.92
CA PRO D 62 13.18 -19.54 -19.36
C PRO D 62 11.75 -19.69 -19.85
N ASN D 63 10.86 -20.24 -19.04
CA ASN D 63 9.45 -20.30 -19.41
C ASN D 63 8.88 -18.91 -19.62
N VAL D 64 9.06 -18.02 -18.64
CA VAL D 64 8.59 -16.65 -18.79
C VAL D 64 9.45 -15.87 -19.78
N ALA D 65 10.69 -16.31 -20.02
CA ALA D 65 11.56 -15.59 -20.95
C ALA D 65 11.11 -15.79 -22.39
N GLU D 66 10.96 -17.04 -22.82
CA GLU D 66 10.53 -17.31 -24.19
C GLU D 66 9.18 -16.66 -24.47
N SER D 67 8.28 -16.68 -23.50
CA SER D 67 6.99 -16.00 -23.66
C SER D 67 7.17 -14.54 -24.04
N TYR D 68 8.24 -13.91 -23.52
CA TYR D 68 8.52 -12.52 -23.87
C TYR D 68 9.23 -12.42 -25.22
N GLN D 69 10.18 -13.32 -25.48
CA GLN D 69 10.91 -13.31 -26.75
C GLN D 69 10.02 -13.57 -27.95
N SER D 70 8.78 -14.04 -27.74
CA SER D 70 7.90 -14.35 -28.86
C SER D 70 7.66 -13.14 -29.75
N LYS D 71 7.71 -11.94 -29.19
CA LYS D 71 7.37 -10.72 -29.91
C LYS D 71 8.52 -10.14 -30.72
N PHE D 72 9.67 -10.82 -30.78
CA PHE D 72 10.84 -10.31 -31.48
C PHE D 72 11.37 -11.26 -32.54
N LYS D 73 10.63 -12.30 -32.90
CA LYS D 73 11.10 -13.31 -33.84
C LYS D 73 10.58 -13.02 -35.24
N GLY D 74 11.45 -13.20 -36.23
CA GLY D 74 11.06 -13.07 -37.62
C GLY D 74 11.00 -11.63 -38.10
N ARG D 75 10.54 -11.49 -39.33
CA ARG D 75 10.38 -10.18 -39.95
C ARG D 75 9.21 -9.39 -39.38
N ASN D 76 8.42 -9.99 -38.48
CA ASN D 76 7.31 -9.31 -37.83
C ASN D 76 7.64 -8.91 -36.40
N GLY D 77 8.90 -9.06 -35.98
CA GLY D 77 9.26 -8.67 -34.63
C GLY D 77 9.02 -7.20 -34.38
N LEU D 78 8.78 -6.88 -33.10
CA LEU D 78 8.49 -5.49 -32.73
C LEU D 78 9.61 -4.55 -33.17
N ASP D 79 10.86 -4.93 -32.90
CA ASP D 79 11.99 -4.10 -33.31
C ASP D 79 12.08 -4.00 -34.83
N LYS D 80 11.67 -5.05 -35.54
CA LYS D 80 11.73 -5.03 -37.01
C LYS D 80 10.58 -4.21 -37.59
N VAL D 81 9.37 -4.41 -37.09
CA VAL D 81 8.21 -3.72 -37.63
C VAL D 81 8.20 -2.27 -37.17
N LEU D 82 8.29 -2.04 -35.85
CA LEU D 82 8.25 -0.69 -35.32
C LEU D 82 9.56 0.06 -35.56
N GLY D 83 10.69 -0.64 -35.55
CA GLY D 83 11.97 0.00 -35.75
C GLY D 83 12.20 1.17 -34.82
N ASP D 84 12.19 2.38 -35.38
CA ASP D 84 12.33 3.60 -34.58
C ASP D 84 11.12 4.56 -34.67
N SER D 85 10.03 4.11 -35.27
CA SER D 85 8.93 5.00 -35.64
C SER D 85 8.27 5.61 -34.40
N GLU D 86 8.25 4.90 -33.29
CA GLU D 86 7.57 5.37 -32.08
C GLU D 86 8.34 4.91 -30.85
N THR D 87 7.85 5.32 -29.69
CA THR D 87 8.43 4.94 -28.41
C THR D 87 7.32 4.84 -27.38
N THR D 88 7.66 4.26 -26.23
CA THR D 88 6.72 4.14 -25.13
C THR D 88 7.49 4.20 -23.81
N ARG D 89 7.07 5.10 -22.93
CA ARG D 89 7.73 5.28 -21.65
C ARG D 89 6.84 4.76 -20.52
N VAL D 90 7.49 4.41 -19.41
CA VAL D 90 6.81 3.83 -18.25
C VAL D 90 7.09 4.69 -17.03
N LYS D 91 6.10 4.81 -16.16
CA LYS D 91 6.25 5.47 -14.87
C LYS D 91 5.62 4.59 -13.80
N ILE D 92 6.41 4.23 -12.79
CA ILE D 92 5.92 3.38 -11.72
C ILE D 92 5.16 4.24 -10.71
N ASN D 93 3.98 3.77 -10.31
CA ASN D 93 3.11 4.51 -9.40
C ASN D 93 3.00 3.88 -8.01
N SER D 94 3.20 2.57 -7.89
CA SER D 94 3.13 1.93 -6.58
C SER D 94 3.67 0.51 -6.69
N VAL D 95 4.22 0.02 -5.59
CA VAL D 95 4.78 -1.33 -5.56
C VAL D 95 4.52 -1.97 -4.20
N ILE D 96 3.65 -2.98 -4.17
CA ILE D 96 3.35 -3.71 -2.95
C ILE D 96 4.05 -5.06 -3.00
N LEU D 97 4.41 -5.58 -1.83
CA LEU D 97 5.21 -6.78 -1.73
C LEU D 97 4.50 -7.86 -0.91
N ASP D 98 5.03 -9.07 -1.00
CA ASP D 98 4.61 -10.24 -0.23
C ASP D 98 5.83 -11.17 -0.17
N LYS D 99 6.80 -10.79 0.68
CA LYS D 99 8.08 -11.49 0.69
C LYS D 99 7.97 -12.96 1.04
N PRO D 100 7.15 -13.38 2.02
CA PRO D 100 7.08 -14.82 2.34
C PRO D 100 6.73 -15.69 1.15
N HIS D 101 5.91 -15.18 0.22
CA HIS D 101 5.49 -15.95 -0.94
C HIS D 101 6.27 -15.60 -2.21
N GLY D 102 6.94 -14.46 -2.24
CA GLY D 102 7.73 -14.10 -3.41
C GLY D 102 6.94 -13.50 -4.54
N VAL D 103 5.85 -12.79 -4.25
CA VAL D 103 5.03 -12.16 -5.27
C VAL D 103 4.95 -10.67 -4.98
N ALA D 104 4.63 -9.91 -6.03
CA ALA D 104 4.51 -8.47 -5.92
C ALA D 104 3.52 -7.96 -6.95
N THR D 105 2.80 -6.91 -6.59
CA THR D 105 1.83 -6.26 -7.47
C THR D 105 2.32 -4.85 -7.77
N ILE D 106 2.63 -4.58 -9.03
CA ILE D 106 3.14 -3.28 -9.46
C ILE D 106 2.11 -2.63 -10.37
N ARG D 107 1.83 -1.35 -10.10
CA ARG D 107 0.89 -0.56 -10.89
C ARG D 107 1.66 0.56 -11.57
N PHE D 108 1.70 0.53 -12.89
CA PHE D 108 2.50 1.47 -13.68
C PHE D 108 1.62 2.11 -14.75
N THR D 109 2.19 3.07 -15.46
CA THR D 109 1.48 3.80 -16.51
C THR D 109 2.41 3.96 -17.71
N THR D 110 1.85 3.77 -18.90
CA THR D 110 2.60 3.86 -20.15
C THR D 110 2.07 5.01 -21.00
N VAL D 111 2.96 5.56 -21.84
CA VAL D 111 2.60 6.63 -22.76
C VAL D 111 3.31 6.36 -24.08
N ARG D 112 2.53 6.21 -25.15
CA ARG D 112 3.07 5.93 -26.47
C ARG D 112 3.15 7.21 -27.30
N ARG D 113 4.13 7.25 -28.21
CA ARG D 113 4.29 8.40 -29.09
C ARG D 113 5.08 7.96 -30.32
N VAL D 114 4.55 8.28 -31.49
CA VAL D 114 5.27 8.07 -32.74
C VAL D 114 6.04 9.32 -33.08
N ARG D 115 7.18 9.16 -33.78
CA ARG D 115 8.04 10.29 -34.08
C ARG D 115 7.26 11.43 -34.73
N SER D 116 6.32 11.10 -35.60
CA SER D 116 5.52 12.11 -36.28
C SER D 116 4.28 12.51 -35.50
N ASN D 117 3.99 11.85 -34.39
CA ASN D 117 2.80 12.17 -33.61
C ASN D 117 2.79 13.65 -33.22
N PRO D 118 1.63 14.27 -33.17
CA PRO D 118 1.54 15.66 -32.71
C PRO D 118 1.83 15.77 -31.22
N VAL D 119 1.10 15.00 -30.42
CA VAL D 119 1.29 14.95 -28.98
C VAL D 119 1.28 13.49 -28.53
N ASP D 120 1.66 13.27 -27.28
CA ASP D 120 1.69 11.92 -26.74
C ASP D 120 0.28 11.36 -26.62
N ASP D 121 0.18 10.04 -26.79
CA ASP D 121 -1.10 9.38 -26.65
C ASP D 121 -1.57 9.43 -25.19
N GLN D 122 -2.88 9.28 -25.00
CA GLN D 122 -3.43 9.32 -23.66
C GLN D 122 -2.84 8.19 -22.82
N PRO D 123 -2.39 8.48 -21.59
CA PRO D 123 -1.74 7.43 -20.79
C PRO D 123 -2.65 6.24 -20.58
N GLN D 124 -2.02 5.08 -20.33
CA GLN D 124 -2.71 3.84 -20.06
C GLN D 124 -2.23 3.28 -18.74
N ARG D 125 -3.16 2.85 -17.90
CA ARG D 125 -2.84 2.30 -16.59
C ARG D 125 -2.82 0.78 -16.65
N TRP D 126 -1.91 0.17 -15.90
CA TRP D 126 -1.72 -1.27 -15.94
C TRP D 126 -1.45 -1.79 -14.53
N ILE D 127 -1.55 -3.11 -14.39
CA ILE D 127 -1.23 -3.81 -13.16
C ILE D 127 -0.36 -5.01 -13.51
N ALA D 128 0.74 -5.18 -12.78
CA ALA D 128 1.67 -6.27 -13.02
C ALA D 128 1.72 -7.18 -11.80
N ILE D 129 1.27 -8.42 -11.96
CA ILE D 129 1.35 -9.44 -10.93
C ILE D 129 2.59 -10.28 -11.21
N MET D 130 3.56 -10.22 -10.29
CA MET D 130 4.90 -10.75 -10.54
C MET D 130 5.33 -11.66 -9.41
N GLY D 131 6.06 -12.72 -9.77
CA GLY D 131 6.75 -13.56 -8.81
C GLY D 131 8.24 -13.55 -9.07
N TYR D 132 9.04 -13.39 -8.01
CA TYR D 132 10.47 -13.21 -8.15
C TYR D 132 11.21 -14.14 -7.21
N GLU D 133 12.53 -14.25 -7.47
CA GLU D 133 13.43 -15.09 -6.69
C GLU D 133 14.88 -14.66 -6.95
N TYR D 134 15.79 -15.10 -6.08
CA TYR D 134 17.22 -14.86 -6.30
C TYR D 134 17.95 -16.19 -6.36
N LYS D 135 19.01 -16.23 -7.14
CA LYS D 135 19.81 -17.44 -7.29
C LYS D 135 21.30 -17.12 -7.22
N ASN D 140 29.23 -15.75 -14.41
CA ASN D 140 28.86 -14.98 -15.59
C ASN D 140 29.27 -13.52 -15.41
N ALA D 141 30.13 -13.03 -16.30
CA ALA D 141 30.63 -11.67 -16.15
C ALA D 141 29.69 -10.63 -16.76
N GLU D 142 28.86 -11.04 -17.73
CA GLU D 142 27.95 -10.09 -18.37
C GLU D 142 26.87 -9.61 -17.41
N GLN D 143 26.53 -10.42 -16.41
CA GLN D 143 25.49 -10.06 -15.44
C GLN D 143 25.93 -8.96 -14.49
N ARG D 144 27.17 -8.47 -14.59
CA ARG D 144 27.68 -7.52 -13.61
C ARG D 144 26.87 -6.24 -13.59
N TYR D 145 26.69 -5.62 -14.76
CA TYR D 145 25.97 -4.36 -14.87
C TYR D 145 24.48 -4.55 -15.15
N VAL D 146 23.94 -5.73 -14.88
CA VAL D 146 22.53 -5.99 -15.18
C VAL D 146 21.84 -6.66 -13.99
N ASN D 147 22.25 -7.89 -13.68
CA ASN D 147 21.66 -8.63 -12.57
C ASN D 147 22.71 -9.30 -11.69
N PRO D 148 23.41 -8.52 -10.88
CA PRO D 148 24.46 -9.10 -10.02
C PRO D 148 23.90 -10.02 -8.96
N LEU D 149 22.76 -9.68 -8.35
CA LEU D 149 22.18 -10.47 -7.27
C LEU D 149 21.42 -11.69 -7.76
N GLY D 150 21.35 -11.93 -9.06
CA GLY D 150 20.62 -13.08 -9.57
C GLY D 150 19.13 -12.96 -9.46
N PHE D 151 18.58 -11.78 -9.72
CA PHE D 151 17.12 -11.59 -9.69
C PHE D 151 16.48 -12.28 -10.89
N ARG D 152 15.37 -12.96 -10.63
CA ARG D 152 14.69 -13.71 -11.68
C ARG D 152 13.19 -13.69 -11.43
N VAL D 153 12.43 -13.37 -12.47
CA VAL D 153 10.97 -13.37 -12.39
C VAL D 153 10.46 -14.72 -12.85
N THR D 154 9.61 -15.35 -12.04
CA THR D 154 9.06 -16.67 -12.33
C THR D 154 7.66 -16.61 -12.93
N SER D 155 6.84 -15.64 -12.55
CA SER D 155 5.52 -15.45 -13.13
C SER D 155 5.35 -13.99 -13.52
N TYR D 156 4.51 -13.74 -14.51
CA TYR D 156 4.20 -12.40 -14.97
C TYR D 156 2.84 -12.27 -15.64
N ARG D 157 2.06 -11.28 -15.25
CA ARG D 157 0.76 -11.06 -15.87
C ARG D 157 0.40 -9.59 -15.72
N VAL D 158 0.18 -8.92 -16.86
CA VAL D 158 -0.19 -7.50 -16.89
C VAL D 158 -1.68 -7.40 -17.21
N ASN D 159 -2.36 -6.49 -16.53
CA ASN D 159 -3.79 -6.31 -16.70
C ASN D 159 -4.12 -4.82 -16.59
N PRO D 160 -5.15 -4.37 -17.31
CA PRO D 160 -5.50 -2.95 -17.28
C PRO D 160 -6.18 -2.55 -15.98
N GLU D 161 -6.64 -1.30 -15.90
CA GLU D 161 -7.37 -0.82 -14.74
C GLU D 161 -8.61 -0.04 -15.17
#